data_1Y5R
#
_entry.id   1Y5R
#
_cell.length_a   96.051
_cell.length_b   96.051
_cell.length_c   218.522
_cell.angle_alpha   90.00
_cell.angle_beta   90.00
_cell.angle_gamma   90.00
#
_symmetry.space_group_name_H-M   'P 41 2 2'
#
loop_
_entity.id
_entity.type
_entity.pdbx_description
1 polymer 'Corticosteroid 11-beta-dehydrogenase, isozyme 1'
2 non-polymer 'NADPH DIHYDRO-NICOTINAMIDE-ADENINE-DINUCLEOTIDE PHOSPHATE'
3 non-polymer CORTICOSTERONE
#
_entity_poly.entity_id   1
_entity_poly.type   'polypeptide(L)'
_entity_poly.pdbx_seq_one_letter_code
;MHHHHHHNEEFRPEMLQGKKVIVTGASKGIGREMAYHLSKMGAHVVLTARSEEGLQKVVSRCLELGAASAHYIAGTMEDM
TFAEQFIVKAGKLMGGLDMLILNHITQTSLSLFHDDIHSVRRVMEVNFLSYVVMSTAALPMLKQSNGSIAVISSLAGKMT
QPMIAPYSASKFALDGFFSTIRTELYITKVNVSITLCVLGLIDTETAMKEISGIINAQASPKEECALEIIKGTALRKSEV
YYDKSPLTPILLGNPGRKIMEFFSLRYYNKDMFVSN
;
_entity_poly.pdbx_strand_id   A,B
#
loop_
_chem_comp.id
_chem_comp.type
_chem_comp.name
_chem_comp.formula
C0R non-polymer CORTICOSTERONE 'C21 H30 O4'
NDP non-polymer 'NADPH DIHYDRO-NICOTINAMIDE-ADENINE-DINUCLEOTIDE PHOSPHATE' 'C21 H30 N7 O17 P3'
#
# COMPACT_ATOMS: atom_id res chain seq x y z
N GLU A 9 12.26 -20.93 21.60
CA GLU A 9 13.46 -20.43 20.87
C GLU A 9 13.93 -19.08 21.40
N GLU A 10 15.22 -18.99 21.70
CA GLU A 10 15.83 -17.77 22.20
C GLU A 10 17.00 -17.38 21.31
N PHE A 11 17.15 -16.09 21.05
CA PHE A 11 18.22 -15.58 20.21
C PHE A 11 19.59 -15.78 20.83
N ARG A 12 20.61 -15.78 19.98
CA ARG A 12 22.00 -15.92 20.42
C ARG A 12 22.83 -15.47 19.24
N PRO A 13 23.67 -14.44 19.44
CA PRO A 13 24.55 -13.84 18.41
C PRO A 13 25.26 -14.83 17.49
N GLU A 14 25.31 -16.09 17.90
CA GLU A 14 25.97 -17.14 17.12
C GLU A 14 25.21 -17.40 15.79
N MET A 15 23.89 -17.20 15.83
CA MET A 15 23.02 -17.42 14.68
C MET A 15 23.39 -16.61 13.44
N LEU A 16 24.32 -15.68 13.60
CA LEU A 16 24.72 -14.84 12.48
C LEU A 16 26.16 -14.94 12.09
N GLN A 17 26.92 -15.75 12.81
CA GLN A 17 28.32 -15.92 12.48
C GLN A 17 28.38 -16.66 11.17
N GLY A 18 29.14 -16.13 10.21
CA GLY A 18 29.27 -16.79 8.93
C GLY A 18 28.08 -16.66 8.00
N LYS A 19 27.10 -15.86 8.38
CA LYS A 19 25.92 -15.67 7.53
C LYS A 19 26.21 -14.55 6.57
N LYS A 20 25.74 -14.71 5.34
CA LYS A 20 25.94 -13.70 4.30
C LYS A 20 24.71 -12.82 4.30
N VAL A 21 24.92 -11.52 4.52
CA VAL A 21 23.82 -10.58 4.60
C VAL A 21 23.94 -9.35 3.70
N ILE A 22 22.82 -8.96 3.10
CA ILE A 22 22.77 -7.77 2.26
C ILE A 22 21.98 -6.74 3.07
N VAL A 23 22.43 -5.49 3.04
CA VAL A 23 21.75 -4.45 3.81
C VAL A 23 21.68 -3.18 3.03
N THR A 24 20.46 -2.71 2.78
CA THR A 24 20.28 -1.48 2.03
C THR A 24 20.11 -0.27 2.95
N GLY A 25 20.51 0.90 2.45
CA GLY A 25 20.43 2.11 3.25
C GLY A 25 21.37 1.99 4.42
N ALA A 26 22.49 1.31 4.21
CA ALA A 26 23.49 1.11 5.27
C ALA A 26 24.41 2.31 5.44
N SER A 27 24.27 3.28 4.55
CA SER A 27 25.09 4.49 4.60
C SER A 27 24.94 5.29 5.94
N LYS A 28 23.78 5.18 6.59
CA LYS A 28 23.52 5.90 7.84
C LYS A 28 22.29 5.36 8.56
N GLY A 29 21.88 6.04 9.62
CA GLY A 29 20.69 5.65 10.37
C GLY A 29 20.61 4.19 10.80
N ILE A 30 19.40 3.63 10.75
CA ILE A 30 19.17 2.24 11.16
C ILE A 30 19.97 1.28 10.31
N GLY A 31 20.14 1.62 9.04
CA GLY A 31 20.90 0.77 8.15
C GLY A 31 22.34 0.54 8.60
N ARG A 32 23.06 1.64 8.80
CA ARG A 32 24.43 1.57 9.26
C ARG A 32 24.50 0.80 10.60
N GLU A 33 23.54 1.07 11.47
CA GLU A 33 23.46 0.43 12.76
C GLU A 33 23.30 -1.10 12.64
N MET A 34 22.51 -1.56 11.68
CA MET A 34 22.33 -2.99 11.50
C MET A 34 23.59 -3.59 11.00
N ALA A 35 24.35 -2.81 10.23
CA ALA A 35 25.63 -3.29 9.71
C ALA A 35 26.49 -3.58 10.91
N TYR A 36 26.79 -2.54 11.69
CA TYR A 36 27.62 -2.68 12.89
C TYR A 36 27.24 -3.87 13.76
N HIS A 37 25.95 -4.12 13.91
CA HIS A 37 25.49 -5.24 14.73
C HIS A 37 25.75 -6.55 14.10
N LEU A 38 25.71 -6.59 12.78
CA LEU A 38 25.96 -7.82 12.05
C LEU A 38 27.43 -8.12 12.12
N SER A 39 28.25 -7.06 12.08
CA SER A 39 29.69 -7.22 12.16
C SER A 39 30.11 -7.83 13.49
N LYS A 40 29.64 -7.25 14.60
CA LYS A 40 29.97 -7.76 15.91
C LYS A 40 29.56 -9.20 16.05
N MET A 41 28.69 -9.65 15.16
CA MET A 41 28.24 -11.03 15.22
C MET A 41 29.03 -11.93 14.26
N GLY A 42 30.04 -11.33 13.62
CA GLY A 42 30.88 -12.06 12.69
C GLY A 42 30.13 -12.61 11.50
N ALA A 43 29.55 -11.71 10.71
CA ALA A 43 28.79 -12.11 9.53
C ALA A 43 29.39 -11.51 8.29
N HIS A 44 29.14 -12.15 7.15
CA HIS A 44 29.63 -11.65 5.86
C HIS A 44 28.63 -10.67 5.45
N VAL A 45 29.07 -9.48 5.08
CA VAL A 45 28.10 -8.46 4.69
C VAL A 45 28.46 -7.54 3.51
N VAL A 46 27.47 -7.29 2.67
CA VAL A 46 27.63 -6.40 1.53
C VAL A 46 26.53 -5.29 1.70
N LEU A 47 26.97 -4.04 1.69
CA LEU A 47 26.08 -2.90 1.90
C LEU A 47 25.88 -2.05 0.70
N THR A 48 24.76 -1.36 0.65
CA THR A 48 24.47 -0.46 -0.46
C THR A 48 23.74 0.78 -0.05
N ALA A 49 23.88 1.79 -0.89
CA ALA A 49 23.27 3.09 -0.70
C ALA A 49 23.72 3.79 -1.88
N ARG A 50 23.71 5.12 -1.85
CA ARG A 50 24.16 5.89 -3.00
C ARG A 50 25.53 6.46 -2.76
N SER A 51 25.76 6.94 -1.53
CA SER A 51 27.04 7.53 -1.16
C SER A 51 28.16 6.54 -1.08
N GLU A 52 29.09 6.62 -2.03
CA GLU A 52 30.23 5.72 -2.03
C GLU A 52 31.09 6.02 -0.80
N GLU A 53 31.44 7.29 -0.63
CA GLU A 53 32.24 7.71 0.51
C GLU A 53 31.55 7.30 1.81
N GLY A 54 30.23 7.36 1.81
CA GLY A 54 29.48 6.99 3.01
C GLY A 54 29.56 5.51 3.30
N LEU A 55 29.46 4.70 2.26
CA LEU A 55 29.53 3.25 2.39
C LEU A 55 30.94 2.81 2.81
N GLN A 56 31.94 3.49 2.26
CA GLN A 56 33.34 3.21 2.56
C GLN A 56 33.65 3.34 4.03
N LYS A 57 33.32 4.50 4.59
CA LYS A 57 33.57 4.77 6.01
C LYS A 57 32.91 3.77 6.91
N VAL A 58 31.78 3.23 6.49
CA VAL A 58 31.07 2.26 7.32
C VAL A 58 31.51 0.82 7.04
N VAL A 59 31.93 0.55 5.81
CA VAL A 59 32.38 -0.80 5.48
C VAL A 59 33.68 -1.09 6.24
N SER A 60 34.39 -0.03 6.61
CA SER A 60 35.65 -0.13 7.36
C SER A 60 35.37 -0.45 8.81
N ARG A 61 34.58 0.40 9.44
CA ARG A 61 34.21 0.23 10.83
C ARG A 61 33.67 -1.18 11.05
N CYS A 62 32.99 -1.72 10.03
CA CYS A 62 32.42 -3.06 10.12
C CYS A 62 33.47 -4.09 10.33
N LEU A 63 34.52 -3.97 9.53
CA LEU A 63 35.67 -4.87 9.59
C LEU A 63 36.30 -4.75 10.93
N GLU A 64 36.56 -3.51 11.35
CA GLU A 64 37.17 -3.25 12.63
C GLU A 64 36.36 -3.86 13.73
N LEU A 65 35.04 -3.92 13.53
CA LEU A 65 34.13 -4.49 14.52
C LEU A 65 34.16 -5.98 14.60
N GLY A 66 34.74 -6.62 13.61
CA GLY A 66 34.83 -8.08 13.63
C GLY A 66 34.04 -8.82 12.57
N ALA A 67 33.70 -8.11 11.50
CA ALA A 67 32.94 -8.71 10.41
C ALA A 67 33.75 -9.79 9.67
N ALA A 68 33.09 -10.90 9.36
CA ALA A 68 33.73 -12.00 8.66
C ALA A 68 34.12 -11.53 7.27
N SER A 69 33.46 -10.48 6.81
CA SER A 69 33.72 -9.92 5.48
C SER A 69 32.85 -8.69 5.27
N ALA A 70 33.32 -7.75 4.45
CA ALA A 70 32.54 -6.54 4.21
C ALA A 70 32.88 -5.82 2.94
N HIS A 71 31.89 -5.68 2.06
CA HIS A 71 32.07 -4.98 0.80
C HIS A 71 30.87 -4.05 0.51
N TYR A 72 31.01 -3.13 -0.45
CA TYR A 72 29.94 -2.20 -0.81
C TYR A 72 29.78 -1.97 -2.32
N ILE A 73 28.56 -1.66 -2.72
CA ILE A 73 28.21 -1.38 -4.12
C ILE A 73 27.26 -0.19 -4.11
N ALA A 74 27.77 0.99 -4.46
CA ALA A 74 26.96 2.20 -4.46
C ALA A 74 26.05 2.34 -5.68
N GLY A 75 24.90 2.98 -5.46
CA GLY A 75 23.93 3.19 -6.53
C GLY A 75 22.55 3.59 -6.02
N THR A 76 21.73 4.14 -6.90
CA THR A 76 20.39 4.57 -6.56
C THR A 76 19.40 3.44 -6.76
N MET A 77 18.51 3.26 -5.79
CA MET A 77 17.50 2.22 -5.88
C MET A 77 16.31 2.70 -6.70
N GLU A 78 16.44 3.88 -7.28
CA GLU A 78 15.40 4.44 -8.13
C GLU A 78 15.58 3.80 -9.50
N ASP A 79 16.72 3.13 -9.67
CA ASP A 79 17.09 2.43 -10.89
C ASP A 79 16.74 0.95 -10.70
N MET A 80 15.60 0.53 -11.23
CA MET A 80 15.19 -0.87 -11.07
C MET A 80 16.20 -1.85 -11.59
N THR A 81 17.02 -1.43 -12.55
CA THR A 81 18.03 -2.32 -13.12
C THR A 81 19.19 -2.51 -12.14
N PHE A 82 19.62 -1.40 -11.53
CA PHE A 82 20.71 -1.46 -10.55
C PHE A 82 20.32 -2.30 -9.36
N ALA A 83 19.03 -2.31 -9.06
CA ALA A 83 18.52 -3.07 -7.91
C ALA A 83 18.71 -4.53 -8.13
N GLU A 84 18.16 -5.06 -9.20
CA GLU A 84 18.27 -6.49 -9.48
C GLU A 84 19.70 -6.89 -9.68
N GLN A 85 20.45 -6.06 -10.39
CA GLN A 85 21.86 -6.36 -10.64
C GLN A 85 22.67 -6.28 -9.40
N PHE A 86 22.20 -5.51 -8.42
CA PHE A 86 22.91 -5.38 -7.16
C PHE A 86 22.89 -6.70 -6.36
N ILE A 87 21.76 -7.40 -6.41
CA ILE A 87 21.64 -8.67 -5.70
C ILE A 87 22.55 -9.71 -6.28
N VAL A 88 22.63 -9.80 -7.60
CA VAL A 88 23.49 -10.80 -8.20
C VAL A 88 24.92 -10.52 -7.93
N LYS A 89 25.31 -9.26 -8.10
CA LYS A 89 26.70 -8.90 -7.84
C LYS A 89 27.04 -9.19 -6.41
N ALA A 90 26.13 -8.83 -5.51
CA ALA A 90 26.32 -9.04 -4.08
C ALA A 90 26.31 -10.50 -3.68
N GLY A 91 25.66 -11.32 -4.49
CA GLY A 91 25.59 -12.74 -4.20
C GLY A 91 26.87 -13.45 -4.62
N LYS A 92 27.43 -13.04 -5.76
CA LYS A 92 28.68 -13.62 -6.26
C LYS A 92 29.79 -13.16 -5.38
N LEU A 93 29.64 -11.94 -4.87
CA LEU A 93 30.64 -11.35 -4.01
C LEU A 93 30.77 -12.12 -2.68
N MET A 94 29.67 -12.72 -2.22
CA MET A 94 29.70 -13.48 -0.96
C MET A 94 29.51 -14.94 -1.20
N GLY A 95 29.27 -15.31 -2.45
CA GLY A 95 29.05 -16.71 -2.77
C GLY A 95 27.82 -17.23 -2.05
N GLY A 96 26.69 -16.57 -2.26
CA GLY A 96 25.45 -16.98 -1.60
C GLY A 96 24.81 -15.85 -0.80
N LEU A 97 23.59 -16.08 -0.33
CA LEU A 97 22.86 -15.10 0.45
C LEU A 97 22.10 -15.78 1.53
N ASP A 98 22.15 -15.23 2.74
CA ASP A 98 21.44 -15.82 3.88
C ASP A 98 20.27 -14.96 4.34
N MET A 99 20.50 -13.65 4.34
CA MET A 99 19.50 -12.70 4.82
C MET A 99 19.48 -11.43 4.02
N LEU A 100 18.29 -11.04 3.55
CA LEU A 100 18.13 -9.81 2.77
C LEU A 100 17.40 -8.80 3.63
N ILE A 101 18.01 -7.64 3.82
CA ILE A 101 17.41 -6.60 4.63
C ILE A 101 17.11 -5.38 3.82
N LEU A 102 15.84 -5.23 3.45
CA LEU A 102 15.36 -4.09 2.68
C LEU A 102 15.00 -2.95 3.67
N ASN A 103 15.85 -1.92 3.69
CA ASN A 103 15.72 -0.81 4.62
C ASN A 103 15.73 0.61 4.01
N HIS A 104 16.41 0.77 2.88
CA HIS A 104 16.54 2.05 2.23
C HIS A 104 15.21 2.69 1.88
N ILE A 105 15.20 4.03 1.83
CA ILE A 105 14.02 4.80 1.45
C ILE A 105 14.46 6.06 0.76
N THR A 106 13.53 6.73 0.09
CA THR A 106 13.84 7.97 -0.59
C THR A 106 13.63 9.16 0.35
N GLN A 107 14.33 10.26 0.09
CA GLN A 107 14.21 11.48 0.88
C GLN A 107 12.63 11.74 1.04
N THR A 108 12.18 12.02 2.27
CA THR A 108 10.76 12.28 2.58
C THR A 108 10.60 13.43 3.62
N SER A 109 9.65 14.33 3.39
CA SER A 109 9.41 15.45 4.33
C SER A 109 7.99 15.51 4.83
N LEU A 110 7.79 16.09 6.02
CA LEU A 110 6.46 16.20 6.57
C LEU A 110 5.75 17.43 6.05
N SER A 111 4.83 17.22 5.12
CA SER A 111 4.06 18.33 4.56
C SER A 111 2.73 17.82 4.14
N LEU A 112 1.68 18.62 4.30
CA LEU A 112 0.34 18.20 3.90
C LEU A 112 0.35 18.01 2.39
N PHE A 113 -0.12 16.86 1.93
CA PHE A 113 -0.13 16.58 0.50
C PHE A 113 -0.80 17.63 -0.26
N HIS A 114 -0.20 18.02 -1.38
CA HIS A 114 -0.77 19.06 -2.23
C HIS A 114 -1.01 18.50 -3.65
N ASP A 115 0.06 18.40 -4.44
CA ASP A 115 -0.05 17.91 -5.80
C ASP A 115 1.25 17.33 -6.34
N ASP A 116 2.15 16.93 -5.45
CA ASP A 116 3.43 16.38 -5.90
C ASP A 116 3.22 14.99 -6.45
N ILE A 117 2.78 14.91 -7.70
CA ILE A 117 2.52 13.63 -8.33
C ILE A 117 3.77 12.89 -8.73
N HIS A 118 4.84 13.62 -9.03
CA HIS A 118 6.09 12.97 -9.42
C HIS A 118 6.83 12.45 -8.22
N SER A 119 6.61 13.09 -7.07
CA SER A 119 7.25 12.67 -5.83
C SER A 119 6.65 11.41 -5.37
N VAL A 120 5.33 11.29 -5.54
CA VAL A 120 4.62 10.09 -5.14
C VAL A 120 5.17 8.94 -5.93
N ARG A 121 5.28 9.11 -7.23
CA ARG A 121 5.79 8.04 -8.08
C ARG A 121 7.19 7.63 -7.65
N ARG A 122 7.99 8.61 -7.22
CA ARG A 122 9.36 8.30 -6.79
C ARG A 122 9.34 7.46 -5.55
N VAL A 123 8.55 7.88 -4.57
CA VAL A 123 8.44 7.15 -3.31
C VAL A 123 7.99 5.69 -3.53
N MET A 124 7.10 5.46 -4.49
CA MET A 124 6.63 4.11 -4.75
C MET A 124 7.69 3.25 -5.40
N GLU A 125 8.49 3.87 -6.27
CA GLU A 125 9.55 3.18 -6.98
C GLU A 125 10.62 2.70 -6.01
N VAL A 126 11.16 3.64 -5.24
CA VAL A 126 12.22 3.36 -4.31
C VAL A 126 11.84 2.66 -3.05
N ASN A 127 10.74 3.06 -2.44
CA ASN A 127 10.31 2.43 -1.18
C ASN A 127 9.56 1.12 -1.34
N PHE A 128 8.89 0.93 -2.46
CA PHE A 128 8.13 -0.31 -2.68
C PHE A 128 8.61 -1.15 -3.85
N LEU A 129 8.63 -0.56 -5.03
CA LEU A 129 9.03 -1.26 -6.25
C LEU A 129 10.44 -1.93 -6.16
N SER A 130 11.46 -1.16 -5.76
CA SER A 130 12.80 -1.72 -5.67
C SER A 130 12.85 -2.91 -4.72
N TYR A 131 11.94 -2.95 -3.76
CA TYR A 131 11.88 -4.04 -2.79
C TYR A 131 11.38 -5.32 -3.43
N VAL A 132 10.34 -5.22 -4.27
CA VAL A 132 9.85 -6.44 -4.90
C VAL A 132 10.86 -6.89 -5.89
N VAL A 133 11.65 -5.94 -6.41
CA VAL A 133 12.68 -6.27 -7.38
C VAL A 133 13.84 -7.06 -6.73
N MET A 134 14.38 -6.54 -5.64
CA MET A 134 15.48 -7.20 -4.94
C MET A 134 15.04 -8.50 -4.29
N SER A 135 13.79 -8.57 -3.84
CA SER A 135 13.31 -9.79 -3.20
C SER A 135 13.09 -10.89 -4.25
N THR A 136 12.78 -10.47 -5.48
CA THR A 136 12.57 -11.42 -6.56
C THR A 136 13.94 -11.90 -7.05
N ALA A 137 14.88 -10.97 -7.16
CA ALA A 137 16.22 -11.30 -7.62
C ALA A 137 16.88 -12.23 -6.66
N ALA A 138 16.78 -11.91 -5.37
CA ALA A 138 17.41 -12.71 -4.31
C ALA A 138 16.72 -14.03 -3.87
N LEU A 139 15.44 -14.20 -4.18
CA LEU A 139 14.71 -15.40 -3.75
C LEU A 139 15.39 -16.77 -4.06
N PRO A 140 15.88 -16.98 -5.29
CA PRO A 140 16.53 -18.24 -5.64
C PRO A 140 17.69 -18.60 -4.64
N MET A 141 18.51 -17.61 -4.29
CA MET A 141 19.59 -17.83 -3.34
C MET A 141 19.00 -18.06 -1.96
N LEU A 142 17.99 -17.26 -1.63
CA LEU A 142 17.33 -17.37 -0.33
C LEU A 142 16.72 -18.72 -0.18
N LYS A 143 16.31 -19.32 -1.30
CA LYS A 143 15.70 -20.65 -1.29
C LYS A 143 16.73 -21.72 -1.00
N GLN A 144 17.94 -21.54 -1.53
CA GLN A 144 19.01 -22.51 -1.31
C GLN A 144 19.47 -22.44 0.11
N SER A 145 19.56 -21.22 0.61
CA SER A 145 20.01 -20.98 1.98
C SER A 145 18.96 -21.26 3.01
N ASN A 146 17.69 -21.30 2.58
CA ASN A 146 16.60 -21.50 3.53
C ASN A 146 16.76 -20.30 4.44
N GLY A 147 17.05 -19.17 3.81
CA GLY A 147 17.28 -17.93 4.54
C GLY A 147 16.03 -17.12 4.81
N SER A 148 16.19 -15.80 4.85
CA SER A 148 15.04 -14.95 5.13
C SER A 148 15.17 -13.52 4.70
N ILE A 149 14.03 -12.85 4.61
CA ILE A 149 13.99 -11.44 4.22
C ILE A 149 13.41 -10.58 5.35
N ALA A 150 13.97 -9.38 5.50
CA ALA A 150 13.52 -8.43 6.52
C ALA A 150 13.09 -7.17 5.80
N VAL A 151 11.81 -6.84 5.89
CA VAL A 151 11.29 -5.63 5.25
C VAL A 151 11.01 -4.60 6.31
N ILE A 152 11.79 -3.53 6.31
CA ILE A 152 11.61 -2.49 7.31
C ILE A 152 10.47 -1.56 6.99
N SER A 153 9.47 -1.54 7.86
CA SER A 153 8.32 -0.66 7.67
C SER A 153 8.27 0.38 8.82
N SER A 154 7.13 1.02 8.98
CA SER A 154 6.94 2.02 10.04
C SER A 154 5.56 1.85 10.63
N LEU A 155 5.26 2.56 11.72
CA LEU A 155 3.94 2.46 12.31
C LEU A 155 2.99 2.96 11.25
N ALA A 156 3.45 3.94 10.49
CA ALA A 156 2.63 4.52 9.42
C ALA A 156 2.45 3.54 8.25
N GLY A 157 2.76 2.28 8.49
CA GLY A 157 2.58 1.26 7.46
C GLY A 157 1.48 0.35 7.94
N LYS A 158 0.97 0.67 9.13
CA LYS A 158 -0.08 -0.09 9.77
C LYS A 158 -1.19 0.84 10.22
N MET A 159 -0.86 2.12 10.32
CA MET A 159 -1.82 3.13 10.77
C MET A 159 -1.58 4.37 9.97
N THR A 160 -2.30 5.43 10.30
CA THR A 160 -2.20 6.67 9.54
C THR A 160 -2.08 7.94 10.35
N GLN A 161 -1.21 8.83 9.88
CA GLN A 161 -1.01 10.14 10.53
C GLN A 161 -0.74 11.18 9.48
N PRO A 162 -1.16 12.42 9.73
CA PRO A 162 -0.95 13.50 8.75
C PRO A 162 0.47 13.88 8.36
N MET A 163 0.59 14.34 7.12
CA MET A 163 1.82 14.82 6.50
C MET A 163 2.81 13.78 5.92
N ILE A 164 2.38 12.54 5.77
CA ILE A 164 3.25 11.51 5.19
C ILE A 164 2.47 10.52 4.31
N ALA A 165 1.50 11.02 3.56
CA ALA A 165 0.66 10.18 2.72
C ALA A 165 1.42 9.29 1.74
N PRO A 166 2.30 9.84 0.90
CA PRO A 166 3.02 8.96 -0.03
C PRO A 166 3.88 7.93 0.68
N TYR A 167 4.58 8.36 1.72
CA TYR A 167 5.42 7.46 2.50
C TYR A 167 4.51 6.34 3.05
N SER A 168 3.50 6.77 3.80
CA SER A 168 2.54 5.87 4.41
C SER A 168 1.98 4.88 3.35
N ALA A 169 1.80 5.36 2.13
CA ALA A 169 1.28 4.55 1.04
C ALA A 169 2.19 3.42 0.69
N SER A 170 3.45 3.76 0.44
CA SER A 170 4.43 2.75 0.08
C SER A 170 4.59 1.73 1.15
N LYS A 171 4.54 2.18 2.41
CA LYS A 171 4.67 1.25 3.52
C LYS A 171 3.47 0.28 3.54
N PHE A 172 2.27 0.80 3.30
CA PHE A 172 1.11 -0.08 3.28
C PHE A 172 1.27 -1.06 2.12
N ALA A 173 1.88 -0.58 1.04
CA ALA A 173 2.11 -1.41 -0.12
C ALA A 173 2.96 -2.60 0.25
N LEU A 174 3.98 -2.37 1.06
CA LEU A 174 4.87 -3.45 1.48
C LEU A 174 4.17 -4.50 2.25
N ASP A 175 3.32 -4.10 3.20
CA ASP A 175 2.60 -5.07 4.00
C ASP A 175 1.70 -5.90 3.13
N GLY A 176 0.97 -5.24 2.23
CA GLY A 176 0.08 -5.98 1.36
C GLY A 176 0.77 -7.00 0.48
N PHE A 177 1.93 -6.63 -0.07
CA PHE A 177 2.70 -7.50 -0.95
C PHE A 177 3.41 -8.65 -0.29
N PHE A 178 4.30 -8.34 0.65
CA PHE A 178 5.06 -9.36 1.35
C PHE A 178 4.26 -10.23 2.28
N SER A 179 3.11 -9.74 2.74
CA SER A 179 2.29 -10.55 3.60
C SER A 179 1.71 -11.64 2.72
N THR A 180 1.44 -11.28 1.48
CA THR A 180 0.90 -12.21 0.49
C THR A 180 2.00 -13.20 0.00
N ILE A 181 3.23 -12.71 -0.17
CA ILE A 181 4.34 -13.54 -0.60
C ILE A 181 4.63 -14.50 0.52
N ARG A 182 4.66 -13.98 1.74
CA ARG A 182 4.95 -14.82 2.89
C ARG A 182 4.03 -15.98 2.97
N THR A 183 2.73 -15.72 2.91
CA THR A 183 1.78 -16.81 3.00
C THR A 183 1.86 -17.67 1.77
N GLU A 184 2.22 -17.09 0.64
CA GLU A 184 2.35 -17.86 -0.58
C GLU A 184 3.52 -18.81 -0.47
N LEU A 185 4.60 -18.37 0.18
CA LEU A 185 5.79 -19.21 0.36
C LEU A 185 5.46 -20.40 1.25
N TYR A 186 4.77 -20.14 2.37
CA TYR A 186 4.40 -21.19 3.30
C TYR A 186 3.44 -22.18 2.66
N ILE A 187 2.46 -21.66 1.94
CA ILE A 187 1.47 -22.49 1.28
C ILE A 187 2.15 -23.48 0.24
N THR A 188 3.29 -23.08 -0.32
CA THR A 188 4.00 -23.90 -1.27
C THR A 188 5.29 -24.51 -0.68
N LYS A 189 5.27 -24.71 0.63
CA LYS A 189 6.37 -25.31 1.36
C LYS A 189 7.80 -24.89 1.02
N VAL A 190 8.04 -23.58 0.88
CA VAL A 190 9.38 -23.07 0.61
C VAL A 190 9.86 -22.46 1.94
N ASN A 191 10.93 -22.99 2.52
CA ASN A 191 11.39 -22.48 3.81
C ASN A 191 12.17 -21.13 3.82
N VAL A 192 11.56 -20.10 3.24
CA VAL A 192 12.14 -18.76 3.23
C VAL A 192 11.17 -17.90 3.99
N SER A 193 11.64 -17.19 5.01
CA SER A 193 10.76 -16.35 5.80
C SER A 193 10.77 -14.84 5.49
N ILE A 194 9.67 -14.18 5.86
CA ILE A 194 9.54 -12.75 5.65
C ILE A 194 9.16 -12.12 6.95
N THR A 195 9.99 -11.17 7.41
CA THR A 195 9.75 -10.47 8.66
C THR A 195 9.46 -9.01 8.36
N LEU A 196 8.27 -8.55 8.70
CA LEU A 196 7.90 -7.16 8.49
C LEU A 196 8.16 -6.47 9.79
N CYS A 197 9.02 -5.47 9.76
CA CYS A 197 9.37 -4.77 10.98
C CYS A 197 8.64 -3.49 11.11
N VAL A 198 7.72 -3.43 12.07
CA VAL A 198 6.95 -2.22 12.31
C VAL A 198 7.66 -1.35 13.37
N LEU A 199 8.35 -0.32 12.90
CA LEU A 199 9.11 0.58 13.76
C LEU A 199 8.41 1.83 14.15
N GLY A 200 8.67 2.25 15.38
CA GLY A 200 8.13 3.50 15.89
C GLY A 200 9.19 4.56 15.62
N LEU A 201 8.97 5.78 16.10
CA LEU A 201 9.93 6.87 15.88
C LEU A 201 11.29 6.49 16.41
N ILE A 202 12.30 6.61 15.58
CA ILE A 202 13.67 6.26 15.93
C ILE A 202 14.64 7.49 15.76
N ASP A 203 15.54 7.66 16.73
CA ASP A 203 16.50 8.77 16.77
C ASP A 203 17.59 8.88 15.67
N THR A 204 17.23 8.70 14.41
CA THR A 204 18.22 8.84 13.34
C THR A 204 18.25 10.31 13.03
N GLU A 205 19.27 10.79 12.32
CA GLU A 205 19.31 12.22 12.05
C GLU A 205 18.29 12.70 11.10
N THR A 206 17.93 11.90 10.10
CA THR A 206 16.94 12.40 9.16
C THR A 206 15.54 12.44 9.76
N ALA A 207 15.31 11.67 10.82
CA ALA A 207 14.00 11.64 11.46
C ALA A 207 13.82 12.75 12.40
N MET A 208 14.87 13.09 13.14
CA MET A 208 14.77 14.18 14.09
C MET A 208 14.76 15.47 13.33
N LYS A 209 15.55 15.54 12.27
CA LYS A 209 15.62 16.73 11.42
C LYS A 209 14.23 17.03 10.85
N GLU A 210 13.64 16.02 10.22
CA GLU A 210 12.34 16.12 9.57
C GLU A 210 11.09 16.41 10.45
N ILE A 211 11.12 16.02 11.72
CA ILE A 211 9.98 16.24 12.60
C ILE A 211 10.15 17.50 13.40
N SER A 212 11.29 18.17 13.22
CA SER A 212 11.59 19.37 13.98
C SER A 212 10.59 20.48 13.75
N GLY A 213 10.03 20.98 14.84
CA GLY A 213 9.06 22.05 14.72
C GLY A 213 7.67 21.57 14.35
N ILE A 214 7.49 20.27 14.27
CA ILE A 214 6.19 19.73 13.91
C ILE A 214 5.71 18.66 14.86
N ILE A 215 6.60 17.72 15.21
CA ILE A 215 6.21 16.63 16.11
C ILE A 215 7.03 16.48 17.44
N ASN A 216 6.28 16.28 18.53
CA ASN A 216 6.79 16.13 19.90
C ASN A 216 7.29 14.80 20.31
N ALA A 217 6.72 13.76 19.71
CA ALA A 217 7.06 12.38 20.01
C ALA A 217 8.50 12.05 20.43
N GLN A 218 8.64 11.19 21.44
CA GLN A 218 9.95 10.74 21.92
C GLN A 218 10.43 9.65 20.98
N ALA A 219 11.73 9.62 20.72
CA ALA A 219 12.29 8.61 19.84
C ALA A 219 12.95 7.51 20.59
N SER A 220 13.29 6.45 19.88
CA SER A 220 13.96 5.32 20.50
C SER A 220 15.29 5.23 19.86
N PRO A 221 16.28 4.69 20.59
CA PRO A 221 17.66 4.53 20.13
C PRO A 221 17.85 3.65 18.86
N LYS A 222 18.62 4.17 17.90
CA LYS A 222 18.88 3.46 16.66
C LYS A 222 19.56 2.05 16.84
N GLU A 223 20.52 1.95 17.75
CA GLU A 223 21.19 0.66 17.94
C GLU A 223 20.31 -0.40 18.54
N GLU A 224 19.46 -0.04 19.50
CA GLU A 224 18.59 -1.03 20.10
C GLU A 224 17.58 -1.46 19.04
N CYS A 225 17.14 -0.51 18.23
CA CYS A 225 16.17 -0.77 17.17
C CYS A 225 16.75 -1.69 16.15
N ALA A 226 17.96 -1.38 15.70
CA ALA A 226 18.66 -2.18 14.72
C ALA A 226 18.81 -3.63 15.22
N LEU A 227 19.29 -3.77 16.45
CA LEU A 227 19.48 -5.09 17.03
C LEU A 227 18.19 -5.90 16.99
N GLU A 228 17.10 -5.33 17.52
CA GLU A 228 15.80 -6.00 17.55
C GLU A 228 15.27 -6.42 16.17
N ILE A 229 15.64 -5.68 15.13
CA ILE A 229 15.23 -6.01 13.77
C ILE A 229 15.94 -7.31 13.38
N ILE A 230 17.21 -7.38 13.74
CA ILE A 230 18.02 -8.57 13.45
C ILE A 230 17.53 -9.76 14.26
N LYS A 231 17.35 -9.56 15.56
CA LYS A 231 16.89 -10.65 16.42
C LYS A 231 15.62 -11.29 15.85
N GLY A 232 14.66 -10.44 15.46
CA GLY A 232 13.40 -10.91 14.93
C GLY A 232 13.49 -11.64 13.60
N THR A 233 14.32 -11.13 12.70
CA THR A 233 14.48 -11.76 11.41
C THR A 233 15.14 -13.09 11.60
N ALA A 234 16.13 -13.12 12.49
CA ALA A 234 16.86 -14.34 12.78
C ALA A 234 15.92 -15.40 13.37
N LEU A 235 15.07 -15.00 14.31
CA LEU A 235 14.12 -15.92 14.92
C LEU A 235 12.98 -16.20 13.99
N ARG A 236 13.07 -15.66 12.79
CA ARG A 236 12.05 -15.81 11.75
C ARG A 236 10.58 -15.52 12.21
N LYS A 237 10.37 -14.36 12.82
CA LYS A 237 9.04 -13.94 13.27
C LYS A 237 8.38 -13.24 12.06
N SER A 238 7.06 -13.35 11.94
CA SER A 238 6.35 -12.69 10.83
C SER A 238 6.47 -11.19 10.91
N GLU A 239 6.17 -10.66 12.09
CA GLU A 239 6.26 -9.22 12.29
C GLU A 239 6.97 -8.91 13.57
N VAL A 240 7.63 -7.76 13.56
CA VAL A 240 8.34 -7.28 14.73
C VAL A 240 7.97 -5.84 14.94
N TYR A 241 7.54 -5.54 16.16
CA TYR A 241 7.16 -4.17 16.51
C TYR A 241 8.16 -3.66 17.47
N TYR A 242 8.72 -2.50 17.16
CA TYR A 242 9.69 -1.89 18.05
C TYR A 242 9.24 -0.49 18.30
N ASP A 243 8.87 -0.20 19.54
CA ASP A 243 8.40 1.13 19.88
C ASP A 243 8.57 1.42 21.36
N LYS A 244 8.50 2.69 21.74
CA LYS A 244 8.66 3.03 23.13
C LYS A 244 7.51 2.49 23.97
N SER A 245 6.34 2.35 23.37
CA SER A 245 5.17 1.85 24.09
C SER A 245 4.93 0.38 23.92
N PRO A 246 4.62 -0.32 25.03
CA PRO A 246 4.36 -1.76 25.00
C PRO A 246 2.97 -2.03 24.48
N LEU A 247 2.22 -0.95 24.30
CA LEU A 247 0.85 -1.03 23.84
C LEU A 247 0.72 -1.15 22.31
N THR A 248 1.68 -0.57 21.59
CA THR A 248 1.69 -0.57 20.13
C THR A 248 1.46 -1.89 19.46
N PRO A 249 2.17 -2.94 19.89
CA PRO A 249 1.94 -4.24 19.24
C PRO A 249 0.56 -4.82 19.41
N ILE A 250 -0.11 -4.50 20.53
CA ILE A 250 -1.45 -5.03 20.76
C ILE A 250 -2.49 -4.16 20.05
N LEU A 251 -2.15 -2.90 19.79
CA LEU A 251 -3.08 -2.01 19.12
C LEU A 251 -2.98 -2.19 17.58
N LEU A 252 -1.77 -2.17 17.05
CA LEU A 252 -1.55 -2.33 15.60
C LEU A 252 -1.49 -3.79 15.13
N GLY A 253 -1.32 -4.71 16.09
CA GLY A 253 -1.24 -6.12 15.77
C GLY A 253 -2.39 -6.64 14.94
N ASN A 254 -3.57 -6.03 15.07
CA ASN A 254 -4.75 -6.42 14.30
C ASN A 254 -5.01 -7.93 14.19
N PRO A 255 -5.45 -8.55 15.28
CA PRO A 255 -5.72 -9.99 15.30
C PRO A 255 -6.89 -10.45 14.38
N GLY A 256 -7.91 -9.59 14.24
CA GLY A 256 -9.04 -9.92 13.40
C GLY A 256 -8.60 -10.21 11.98
N ARG A 257 -7.55 -9.53 11.55
CA ARG A 257 -7.04 -9.75 10.20
C ARG A 257 -6.44 -11.13 10.10
N LYS A 258 -5.74 -11.54 11.15
CA LYS A 258 -5.12 -12.86 11.19
C LYS A 258 -6.19 -13.93 11.13
N ILE A 259 -7.31 -13.67 11.80
CA ILE A 259 -8.43 -14.60 11.80
C ILE A 259 -8.98 -14.75 10.36
N MET A 260 -9.27 -13.62 9.72
CA MET A 260 -9.81 -13.64 8.36
C MET A 260 -8.90 -14.36 7.44
N GLU A 261 -7.62 -14.02 7.50
CA GLU A 261 -6.61 -14.64 6.66
C GLU A 261 -6.62 -16.13 6.73
N PHE A 262 -6.63 -16.66 7.95
CA PHE A 262 -6.65 -18.11 8.14
C PHE A 262 -7.82 -18.78 7.42
N PHE A 263 -9.03 -18.33 7.72
CA PHE A 263 -10.22 -18.89 7.10
C PHE A 263 -10.24 -18.69 5.63
N SER A 264 -9.59 -17.63 5.18
CA SER A 264 -9.54 -17.31 3.77
C SER A 264 -8.91 -18.43 2.95
N LEU A 265 -7.86 -19.03 3.50
CA LEU A 265 -7.16 -20.13 2.82
C LEU A 265 -8.06 -21.29 2.54
N ARG A 266 -8.90 -21.61 3.51
CA ARG A 266 -9.82 -22.73 3.39
C ARG A 266 -10.90 -22.57 2.32
N TYR A 267 -10.65 -21.72 1.34
CA TYR A 267 -11.61 -21.51 0.25
C TYR A 267 -10.96 -21.71 -1.06
N TYR A 268 -9.65 -21.93 -1.03
CA TYR A 268 -8.89 -22.16 -2.24
C TYR A 268 -8.91 -23.58 -2.62
N ASN A 269 -8.44 -23.84 -3.83
CA ASN A 269 -8.36 -25.19 -4.37
C ASN A 269 -6.96 -25.68 -4.04
N LYS A 270 -6.86 -26.40 -2.92
CA LYS A 270 -5.59 -26.91 -2.43
C LYS A 270 -4.57 -27.47 -3.41
N ASP A 271 -4.98 -27.76 -4.64
CA ASP A 271 -4.04 -28.30 -5.61
C ASP A 271 -3.38 -27.23 -6.45
N MET A 272 -3.51 -25.98 -6.02
CA MET A 272 -2.88 -24.87 -6.73
C MET A 272 -1.53 -24.60 -6.14
N PHE A 273 -1.31 -25.15 -4.94
CA PHE A 273 -0.04 -24.98 -4.25
C PHE A 273 0.39 -26.25 -3.48
N GLU B 9 -28.54 10.34 10.55
CA GLU B 9 -29.70 10.36 9.60
C GLU B 9 -29.61 9.22 8.58
N GLU B 10 -30.68 9.04 7.82
CA GLU B 10 -30.72 7.98 6.82
C GLU B 10 -30.54 8.51 5.39
N PHE B 11 -30.50 7.57 4.44
CA PHE B 11 -30.29 7.88 3.04
C PHE B 11 -31.57 8.03 2.26
N ARG B 12 -31.56 8.97 1.32
CA ARG B 12 -32.72 9.23 0.46
C ARG B 12 -32.19 9.48 -0.94
N PRO B 13 -32.68 8.72 -1.94
CA PRO B 13 -32.23 8.86 -3.32
C PRO B 13 -32.32 10.28 -3.86
N GLU B 14 -32.94 11.15 -3.07
CA GLU B 14 -33.09 12.55 -3.46
C GLU B 14 -31.81 13.32 -3.15
N MET B 15 -30.90 12.68 -2.41
CA MET B 15 -29.62 13.27 -2.02
C MET B 15 -28.65 13.37 -3.14
N LEU B 16 -28.90 12.61 -4.20
CA LEU B 16 -28.01 12.62 -5.35
C LEU B 16 -28.59 13.23 -6.55
N GLN B 17 -29.85 13.65 -6.46
CA GLN B 17 -30.52 14.26 -7.60
C GLN B 17 -29.90 15.62 -7.95
N GLY B 18 -29.43 15.75 -9.18
CA GLY B 18 -28.84 17.00 -9.62
C GLY B 18 -27.38 17.18 -9.20
N LYS B 19 -26.80 16.13 -8.64
CA LYS B 19 -25.41 16.15 -8.18
C LYS B 19 -24.56 15.69 -9.34
N LYS B 20 -23.43 16.37 -9.57
CA LYS B 20 -22.54 16.00 -10.66
C LYS B 20 -21.62 14.91 -10.18
N VAL B 21 -21.67 13.76 -10.86
CA VAL B 21 -20.85 12.63 -10.44
C VAL B 21 -19.95 11.99 -11.51
N ILE B 22 -18.70 11.70 -11.13
CA ILE B 22 -17.73 11.05 -12.01
C ILE B 22 -17.58 9.57 -11.59
N VAL B 23 -17.55 8.67 -12.55
CA VAL B 23 -17.42 7.25 -12.27
C VAL B 23 -16.47 6.59 -13.24
N THR B 24 -15.40 5.99 -12.72
CA THR B 24 -14.41 5.32 -13.57
C THR B 24 -14.67 3.83 -13.57
N GLY B 25 -14.12 3.13 -14.55
CA GLY B 25 -14.34 1.70 -14.66
C GLY B 25 -15.84 1.49 -14.72
N ALA B 26 -16.52 2.41 -15.40
CA ALA B 26 -17.98 2.39 -15.53
C ALA B 26 -18.45 1.53 -16.65
N SER B 27 -17.53 1.15 -17.52
CA SER B 27 -17.86 0.31 -18.66
C SER B 27 -18.64 -0.98 -18.37
N LYS B 28 -18.22 -1.78 -17.38
CA LYS B 28 -18.93 -3.04 -17.13
C LYS B 28 -19.17 -3.59 -15.70
N GLY B 29 -18.15 -3.58 -14.86
CA GLY B 29 -18.30 -4.14 -13.53
C GLY B 29 -19.37 -3.53 -12.66
N ILE B 30 -19.03 -3.39 -11.38
CA ILE B 30 -19.94 -2.80 -10.40
C ILE B 30 -19.94 -1.29 -10.69
N GLY B 31 -18.93 -0.84 -11.43
CA GLY B 31 -18.84 0.57 -11.79
C GLY B 31 -19.99 0.92 -12.73
N ARG B 32 -20.30 0.00 -13.64
CA ARG B 32 -21.39 0.20 -14.58
C ARG B 32 -22.72 0.24 -13.83
N GLU B 33 -22.87 -0.68 -12.89
CA GLU B 33 -24.08 -0.75 -12.08
C GLU B 33 -24.23 0.55 -11.26
N MET B 34 -23.10 1.12 -10.86
CA MET B 34 -23.11 2.37 -10.09
C MET B 34 -23.65 3.50 -10.90
N ALA B 35 -23.40 3.48 -12.19
CA ALA B 35 -23.90 4.53 -13.07
C ALA B 35 -25.42 4.43 -13.11
N TYR B 36 -25.91 3.25 -13.47
CA TYR B 36 -27.34 3.01 -13.54
C TYR B 36 -28.08 3.51 -12.29
N HIS B 37 -27.48 3.29 -11.11
CA HIS B 37 -28.09 3.74 -9.86
C HIS B 37 -28.10 5.24 -9.75
N LEU B 38 -27.00 5.87 -10.12
CA LEU B 38 -26.89 7.31 -10.07
C LEU B 38 -27.91 7.92 -11.02
N SER B 39 -28.13 7.23 -12.16
CA SER B 39 -29.08 7.69 -13.14
C SER B 39 -30.50 7.68 -12.56
N LYS B 40 -30.97 6.52 -12.10
CA LYS B 40 -32.31 6.40 -11.51
C LYS B 40 -32.58 7.43 -10.41
N MET B 41 -31.52 7.94 -9.78
CA MET B 41 -31.67 8.94 -8.73
C MET B 41 -31.69 10.35 -9.36
N GLY B 42 -31.33 10.40 -10.65
CA GLY B 42 -31.31 11.67 -11.35
C GLY B 42 -30.13 12.53 -11.00
N ALA B 43 -28.97 12.16 -11.53
CA ALA B 43 -27.75 12.92 -11.27
C ALA B 43 -27.00 13.11 -12.54
N HIS B 44 -26.20 14.17 -12.61
CA HIS B 44 -25.39 14.42 -13.80
C HIS B 44 -24.26 13.48 -13.67
N VAL B 45 -23.97 12.73 -14.73
CA VAL B 45 -22.90 11.76 -14.62
C VAL B 45 -22.01 11.54 -15.86
N VAL B 46 -20.71 11.78 -15.71
CA VAL B 46 -19.76 11.56 -16.80
C VAL B 46 -18.93 10.31 -16.46
N LEU B 47 -19.07 9.28 -17.29
CA LEU B 47 -18.37 8.01 -17.10
C LEU B 47 -17.03 7.96 -17.86
N THR B 48 -16.30 6.86 -17.69
CA THR B 48 -15.01 6.65 -18.36
C THR B 48 -14.55 5.24 -18.23
N ALA B 49 -13.70 4.85 -19.18
CA ALA B 49 -13.11 3.52 -19.28
C ALA B 49 -12.26 3.53 -20.52
N ARG B 50 -11.98 2.36 -21.07
CA ARG B 50 -11.16 2.27 -22.28
C ARG B 50 -12.05 1.97 -23.48
N SER B 51 -12.99 1.05 -23.29
CA SER B 51 -13.92 0.65 -24.36
C SER B 51 -14.91 1.74 -24.70
N GLU B 52 -14.64 2.48 -25.79
CA GLU B 52 -15.51 3.55 -26.23
C GLU B 52 -16.88 2.96 -26.56
N GLU B 53 -16.87 1.84 -27.27
CA GLU B 53 -18.10 1.17 -27.66
C GLU B 53 -18.95 0.82 -26.43
N GLY B 54 -18.29 0.32 -25.39
CA GLY B 54 -18.98 -0.06 -24.16
C GLY B 54 -19.56 1.09 -23.36
N LEU B 55 -18.81 2.19 -23.27
CA LEU B 55 -19.27 3.35 -22.54
C LEU B 55 -20.50 3.85 -23.17
N GLN B 56 -20.60 3.64 -24.48
CA GLN B 56 -21.78 4.07 -25.22
C GLN B 56 -23.03 3.35 -24.70
N LYS B 57 -23.05 2.02 -24.83
CA LYS B 57 -24.18 1.21 -24.38
C LYS B 57 -24.74 1.68 -23.05
N VAL B 58 -23.86 1.97 -22.11
CA VAL B 58 -24.26 2.39 -20.77
C VAL B 58 -24.73 3.84 -20.67
N VAL B 59 -24.04 4.76 -21.35
CA VAL B 59 -24.42 6.16 -21.30
C VAL B 59 -25.83 6.39 -21.73
N SER B 60 -26.26 5.65 -22.76
CA SER B 60 -27.61 5.79 -23.30
C SER B 60 -28.69 5.24 -22.34
N ARG B 61 -28.40 4.10 -21.70
CA ARG B 61 -29.33 3.49 -20.75
C ARG B 61 -29.43 4.38 -19.53
N CYS B 62 -28.45 5.25 -19.35
CA CYS B 62 -28.46 6.17 -18.22
C CYS B 62 -29.50 7.21 -18.42
N LEU B 63 -29.54 7.79 -19.63
CA LEU B 63 -30.54 8.80 -19.95
C LEU B 63 -31.92 8.21 -19.75
N GLU B 64 -32.12 7.00 -20.27
CA GLU B 64 -33.39 6.31 -20.13
C GLU B 64 -33.77 6.27 -18.68
N LEU B 65 -32.91 5.66 -17.87
CA LEU B 65 -33.15 5.53 -16.44
C LEU B 65 -33.55 6.83 -15.74
N GLY B 66 -33.20 7.97 -16.32
CA GLY B 66 -33.57 9.24 -15.72
C GLY B 66 -32.45 10.17 -15.32
N ALA B 67 -31.28 9.97 -15.91
CA ALA B 67 -30.09 10.77 -15.61
C ALA B 67 -30.20 12.20 -16.09
N ALA B 68 -29.98 13.14 -15.17
CA ALA B 68 -30.04 14.56 -15.51
C ALA B 68 -29.04 14.90 -16.64
N SER B 69 -28.03 14.05 -16.80
CA SER B 69 -26.99 14.23 -17.82
C SER B 69 -26.21 12.94 -17.92
N ALA B 70 -25.52 12.73 -19.03
CA ALA B 70 -24.75 11.50 -19.19
C ALA B 70 -23.75 11.57 -20.33
N HIS B 71 -22.47 11.63 -19.98
CA HIS B 71 -21.41 11.69 -20.99
C HIS B 71 -20.33 10.65 -20.72
N TYR B 72 -19.49 10.39 -21.73
CA TYR B 72 -18.40 9.45 -21.59
C TYR B 72 -17.17 9.94 -22.29
N ILE B 73 -16.00 9.69 -21.70
CA ILE B 73 -14.70 10.07 -22.26
C ILE B 73 -13.77 8.84 -22.20
N ALA B 74 -13.49 8.24 -23.35
CA ALA B 74 -12.64 7.04 -23.40
C ALA B 74 -11.16 7.33 -23.22
N GLY B 75 -10.46 6.35 -22.64
CA GLY B 75 -9.02 6.49 -22.40
C GLY B 75 -8.52 5.49 -21.38
N THR B 76 -7.20 5.32 -21.31
CA THR B 76 -6.60 4.38 -20.37
C THR B 76 -6.04 5.12 -19.19
N MET B 77 -6.23 4.56 -18.00
CA MET B 77 -5.74 5.20 -16.80
C MET B 77 -4.33 4.82 -16.52
N GLU B 78 -3.64 4.37 -17.57
CA GLU B 78 -2.24 3.99 -17.43
C GLU B 78 -1.43 5.16 -17.83
N ASP B 79 -2.11 6.19 -18.32
CA ASP B 79 -1.49 7.45 -18.74
C ASP B 79 -1.95 8.61 -17.81
N MET B 80 -1.11 8.97 -16.85
CA MET B 80 -1.41 10.02 -15.88
C MET B 80 -1.84 11.28 -16.45
N THR B 81 -1.58 11.47 -17.74
CA THR B 81 -1.94 12.70 -18.40
C THR B 81 -3.42 12.71 -18.66
N PHE B 82 -3.90 11.62 -19.25
CA PHE B 82 -5.32 11.50 -19.56
C PHE B 82 -6.16 11.50 -18.32
N ALA B 83 -5.58 11.04 -17.22
CA ALA B 83 -6.28 10.97 -15.94
C ALA B 83 -6.52 12.30 -15.36
N GLU B 84 -5.51 13.16 -15.39
CA GLU B 84 -5.66 14.49 -14.83
C GLU B 84 -6.50 15.29 -15.76
N GLN B 85 -6.34 15.08 -17.06
CA GLN B 85 -7.11 15.81 -18.04
C GLN B 85 -8.51 15.35 -18.18
N PHE B 86 -8.81 14.19 -17.58
CA PHE B 86 -10.17 13.65 -17.63
C PHE B 86 -11.03 14.36 -16.64
N ILE B 87 -10.50 14.56 -15.44
CA ILE B 87 -11.26 15.24 -14.40
C ILE B 87 -11.55 16.66 -14.82
N VAL B 88 -10.64 17.30 -15.56
CA VAL B 88 -10.87 18.68 -15.98
C VAL B 88 -11.94 18.80 -17.05
N LYS B 89 -11.88 17.94 -18.07
CA LYS B 89 -12.90 17.97 -19.12
C LYS B 89 -14.25 17.68 -18.47
N ALA B 90 -14.31 16.57 -17.75
CA ALA B 90 -15.52 16.13 -17.06
C ALA B 90 -16.13 17.25 -16.23
N GLY B 91 -15.31 17.93 -15.46
CA GLY B 91 -15.82 19.00 -14.63
C GLY B 91 -16.43 20.11 -15.46
N LYS B 92 -15.81 20.41 -16.60
CA LYS B 92 -16.28 21.46 -17.50
C LYS B 92 -17.64 21.21 -18.05
N LEU B 93 -17.92 19.94 -18.38
CA LEU B 93 -19.20 19.55 -18.94
C LEU B 93 -20.32 19.61 -17.95
N MET B 94 -20.00 19.45 -16.68
CA MET B 94 -21.03 19.48 -15.64
C MET B 94 -21.04 20.78 -14.88
N GLY B 95 -20.08 21.64 -15.19
CA GLY B 95 -19.98 22.93 -14.51
C GLY B 95 -19.81 22.78 -13.00
N GLY B 96 -18.95 21.85 -12.61
CA GLY B 96 -18.71 21.61 -11.21
C GLY B 96 -18.66 20.11 -10.92
N LEU B 97 -18.23 19.75 -9.71
CA LEU B 97 -18.15 18.34 -9.36
C LEU B 97 -18.62 18.12 -7.94
N ASP B 98 -19.41 17.07 -7.75
CA ASP B 98 -19.95 16.73 -6.44
C ASP B 98 -19.42 15.42 -5.88
N MET B 99 -19.26 14.44 -6.76
CA MET B 99 -18.80 13.14 -6.32
C MET B 99 -17.81 12.46 -7.29
N LEU B 100 -16.66 12.06 -6.75
CA LEU B 100 -15.64 11.38 -7.54
C LEU B 100 -15.57 9.93 -7.06
N ILE B 101 -15.91 9.00 -7.95
CA ILE B 101 -15.88 7.59 -7.60
C ILE B 101 -14.78 6.83 -8.34
N LEU B 102 -13.62 6.70 -7.70
CA LEU B 102 -12.50 5.98 -8.30
C LEU B 102 -12.75 4.48 -8.12
N ASN B 103 -13.12 3.82 -9.22
CA ASN B 103 -13.47 2.41 -9.24
C ASN B 103 -12.61 1.47 -10.20
N HIS B 104 -12.18 2.01 -11.34
CA HIS B 104 -11.43 1.23 -12.31
C HIS B 104 -10.20 0.54 -11.75
N ILE B 105 -9.79 -0.55 -12.38
CA ILE B 105 -8.58 -1.29 -11.97
C ILE B 105 -8.03 -2.05 -13.16
N THR B 106 -6.70 -2.03 -13.33
CA THR B 106 -6.09 -2.76 -14.42
C THR B 106 -6.34 -4.23 -14.20
N GLN B 107 -6.24 -5.00 -15.27
CA GLN B 107 -6.48 -6.43 -15.20
C GLN B 107 -5.50 -7.17 -14.34
N THR B 108 -6.03 -8.09 -13.54
CA THR B 108 -5.22 -8.94 -12.65
C THR B 108 -5.85 -10.32 -12.68
N SER B 109 -5.06 -11.35 -12.38
CA SER B 109 -5.55 -12.73 -12.37
C SER B 109 -4.87 -13.52 -11.26
N LEU B 110 -5.58 -14.50 -10.68
CA LEU B 110 -5.02 -15.32 -9.60
C LEU B 110 -3.78 -16.03 -10.05
N SER B 111 -2.71 -15.90 -9.28
CA SER B 111 -1.44 -16.52 -9.63
C SER B 111 -0.40 -16.29 -8.58
N LEU B 112 0.38 -17.32 -8.26
CA LEU B 112 1.44 -17.18 -7.29
C LEU B 112 2.47 -16.29 -7.94
N PHE B 113 2.83 -15.20 -7.27
CA PHE B 113 3.78 -14.25 -7.82
C PHE B 113 5.05 -14.93 -8.15
N HIS B 114 5.67 -14.55 -9.27
CA HIS B 114 6.95 -15.14 -9.64
C HIS B 114 8.02 -14.06 -9.86
N ASP B 115 7.86 -13.29 -10.94
CA ASP B 115 8.81 -12.21 -11.23
C ASP B 115 8.29 -11.19 -12.25
N ASP B 116 6.97 -11.06 -12.32
CA ASP B 116 6.38 -10.11 -13.26
C ASP B 116 6.52 -8.68 -12.73
N ILE B 117 7.75 -8.18 -12.68
CA ILE B 117 8.01 -6.84 -12.18
C ILE B 117 7.28 -5.74 -12.94
N HIS B 118 7.16 -5.88 -14.27
CA HIS B 118 6.46 -4.86 -15.05
C HIS B 118 4.98 -4.93 -14.90
N SER B 119 4.46 -6.12 -14.60
CA SER B 119 3.03 -6.27 -14.40
C SER B 119 2.67 -5.62 -13.09
N VAL B 120 3.63 -5.59 -12.17
CA VAL B 120 3.43 -4.97 -10.87
C VAL B 120 3.40 -3.52 -11.03
N ARG B 121 4.46 -2.97 -11.60
CA ARG B 121 4.55 -1.53 -11.81
C ARG B 121 3.29 -0.95 -12.47
N ARG B 122 2.61 -1.76 -13.28
CA ARG B 122 1.40 -1.33 -13.96
C ARG B 122 0.23 -1.31 -13.01
N VAL B 123 0.08 -2.39 -12.25
CA VAL B 123 -0.99 -2.51 -11.28
C VAL B 123 -0.99 -1.28 -10.35
N MET B 124 0.21 -0.86 -9.95
CA MET B 124 0.35 0.30 -9.06
C MET B 124 -0.01 1.58 -9.77
N GLU B 125 0.46 1.72 -11.00
CA GLU B 125 0.19 2.91 -11.80
C GLU B 125 -1.35 3.11 -12.00
N VAL B 126 -2.01 2.06 -12.46
CA VAL B 126 -3.44 2.10 -12.72
C VAL B 126 -4.37 2.02 -11.51
N ASN B 127 -4.04 1.19 -10.53
CA ASN B 127 -4.90 1.04 -9.35
C ASN B 127 -4.67 2.01 -8.25
N PHE B 128 -3.48 2.59 -8.21
CA PHE B 128 -3.14 3.54 -7.15
C PHE B 128 -2.79 4.91 -7.62
N LEU B 129 -1.77 5.02 -8.45
CA LEU B 129 -1.30 6.32 -8.98
C LEU B 129 -2.35 7.18 -9.64
N SER B 130 -3.08 6.59 -10.59
CA SER B 130 -4.14 7.31 -11.29
C SER B 130 -5.16 7.86 -10.30
N TYR B 131 -5.43 7.14 -9.22
CA TYR B 131 -6.38 7.58 -8.20
C TYR B 131 -5.89 8.78 -7.51
N VAL B 132 -4.60 8.76 -7.15
CA VAL B 132 -4.03 9.90 -6.46
C VAL B 132 -3.94 11.08 -7.41
N VAL B 133 -3.80 10.80 -8.70
CA VAL B 133 -3.75 11.88 -9.70
C VAL B 133 -5.14 12.59 -9.81
N MET B 134 -6.16 11.84 -10.21
CA MET B 134 -7.50 12.39 -10.35
C MET B 134 -8.01 13.03 -9.07
N SER B 135 -7.70 12.42 -7.94
CA SER B 135 -8.15 12.94 -6.66
C SER B 135 -7.59 14.30 -6.43
N THR B 136 -6.42 14.53 -7.01
CA THR B 136 -5.77 15.83 -6.84
C THR B 136 -6.42 16.81 -7.75
N ALA B 137 -6.65 16.38 -8.99
CA ALA B 137 -7.28 17.22 -9.99
C ALA B 137 -8.65 17.60 -9.60
N ALA B 138 -9.33 16.70 -8.89
CA ALA B 138 -10.72 16.97 -8.49
C ALA B 138 -10.90 17.70 -7.19
N LEU B 139 -9.87 17.74 -6.35
CA LEU B 139 -10.00 18.39 -5.05
C LEU B 139 -10.48 19.81 -5.09
N PRO B 140 -9.90 20.64 -5.98
CA PRO B 140 -10.35 22.04 -6.03
C PRO B 140 -11.88 22.21 -6.25
N MET B 141 -12.46 21.42 -7.15
CA MET B 141 -13.90 21.52 -7.36
C MET B 141 -14.62 20.90 -6.19
N LEU B 142 -14.11 19.77 -5.70
CA LEU B 142 -14.72 19.08 -4.57
C LEU B 142 -14.76 19.97 -3.36
N LYS B 143 -13.79 20.86 -3.23
CA LYS B 143 -13.76 21.79 -2.11
C LYS B 143 -14.88 22.80 -2.27
N GLN B 144 -15.11 23.22 -3.52
CA GLN B 144 -16.16 24.19 -3.84
C GLN B 144 -17.52 23.71 -3.44
N SER B 145 -17.80 22.45 -3.69
CA SER B 145 -19.11 21.88 -3.39
C SER B 145 -19.21 21.12 -2.16
N ASN B 146 -18.09 20.97 -1.44
CA ASN B 146 -18.11 20.18 -0.21
C ASN B 146 -18.50 18.78 -0.58
N GLY B 147 -17.88 18.31 -1.66
CA GLY B 147 -18.17 16.99 -2.19
C GLY B 147 -17.64 15.83 -1.38
N SER B 148 -17.26 14.79 -2.09
CA SER B 148 -16.76 13.59 -1.46
C SER B 148 -16.21 12.63 -2.48
N ILE B 149 -15.22 11.84 -2.07
CA ILE B 149 -14.59 10.85 -2.94
C ILE B 149 -14.85 9.46 -2.44
N ALA B 150 -15.00 8.52 -3.36
CA ALA B 150 -15.23 7.12 -3.04
C ALA B 150 -14.21 6.34 -3.72
N VAL B 151 -13.24 5.83 -2.96
CA VAL B 151 -12.19 5.00 -3.52
C VAL B 151 -12.52 3.55 -3.23
N ILE B 152 -12.76 2.80 -4.30
CA ILE B 152 -13.13 1.39 -4.20
C ILE B 152 -11.93 0.52 -3.86
N SER B 153 -12.11 -0.34 -2.87
CA SER B 153 -11.06 -1.26 -2.46
C SER B 153 -11.62 -2.64 -2.30
N SER B 154 -10.82 -3.55 -1.75
CA SER B 154 -11.24 -4.93 -1.57
C SER B 154 -10.93 -5.43 -0.20
N LEU B 155 -11.42 -6.61 0.14
CA LEU B 155 -11.11 -7.19 1.44
C LEU B 155 -9.64 -7.37 1.43
N ALA B 156 -9.12 -7.67 0.24
CA ALA B 156 -7.70 -7.89 0.04
C ALA B 156 -6.89 -6.63 0.18
N GLY B 157 -7.54 -5.56 0.62
CA GLY B 157 -6.86 -4.29 0.80
C GLY B 157 -6.80 -4.01 2.29
N LYS B 158 -7.41 -4.91 3.06
CA LYS B 158 -7.45 -4.81 4.51
C LYS B 158 -6.79 -6.01 5.04
N MET B 159 -6.66 -7.02 4.19
CA MET B 159 -6.06 -8.28 4.59
C MET B 159 -5.43 -9.00 3.45
N THR B 160 -4.68 -10.04 3.79
CA THR B 160 -3.95 -10.82 2.82
C THR B 160 -4.53 -12.14 2.40
N GLN B 161 -4.47 -12.38 1.09
CA GLN B 161 -4.98 -13.58 0.47
C GLN B 161 -3.93 -13.96 -0.58
N PRO B 162 -3.67 -15.26 -0.78
CA PRO B 162 -2.67 -15.65 -1.77
C PRO B 162 -3.07 -15.43 -3.27
N MET B 163 -2.08 -15.49 -4.14
CA MET B 163 -2.26 -15.33 -5.58
C MET B 163 -2.68 -13.94 -6.13
N ILE B 164 -2.63 -12.90 -5.31
CA ILE B 164 -2.97 -11.56 -5.80
C ILE B 164 -2.12 -10.48 -5.14
N ALA B 165 -0.84 -10.80 -4.92
CA ALA B 165 0.08 -9.87 -4.27
C ALA B 165 0.13 -8.46 -4.84
N PRO B 166 0.36 -8.29 -6.16
CA PRO B 166 0.41 -6.92 -6.68
C PRO B 166 -0.91 -6.16 -6.52
N TYR B 167 -2.01 -6.81 -6.86
CA TYR B 167 -3.32 -6.19 -6.71
C TYR B 167 -3.48 -5.70 -5.28
N SER B 168 -3.25 -6.60 -4.33
CA SER B 168 -3.37 -6.29 -2.91
C SER B 168 -2.49 -5.09 -2.48
N ALA B 169 -1.29 -5.01 -3.02
CA ALA B 169 -0.38 -3.92 -2.69
C ALA B 169 -1.03 -2.59 -3.02
N SER B 170 -1.56 -2.48 -4.23
CA SER B 170 -2.21 -1.26 -4.68
C SER B 170 -3.36 -0.88 -3.79
N LYS B 171 -4.15 -1.87 -3.38
CA LYS B 171 -5.30 -1.60 -2.53
C LYS B 171 -4.90 -1.21 -1.10
N PHE B 172 -3.77 -1.74 -0.63
CA PHE B 172 -3.30 -1.37 0.70
C PHE B 172 -2.79 0.06 0.55
N ALA B 173 -2.06 0.29 -0.53
CA ALA B 173 -1.50 1.61 -0.84
C ALA B 173 -2.61 2.63 -0.75
N LEU B 174 -3.77 2.28 -1.30
CA LEU B 174 -4.94 3.15 -1.28
C LEU B 174 -5.32 3.52 0.13
N ASP B 175 -5.51 2.51 0.96
CA ASP B 175 -5.91 2.76 2.35
C ASP B 175 -4.97 3.73 3.02
N GLY B 176 -3.67 3.43 2.95
CA GLY B 176 -2.68 4.30 3.55
C GLY B 176 -2.62 5.73 3.03
N PHE B 177 -2.85 5.91 1.73
CA PHE B 177 -2.80 7.26 1.17
C PHE B 177 -4.03 8.09 1.50
N PHE B 178 -5.20 7.58 1.10
CA PHE B 178 -6.44 8.30 1.34
C PHE B 178 -6.85 8.43 2.77
N SER B 179 -6.49 7.46 3.61
CA SER B 179 -6.82 7.53 5.03
C SER B 179 -6.11 8.69 5.59
N THR B 180 -4.91 8.95 5.07
CA THR B 180 -4.13 10.08 5.51
C THR B 180 -4.79 11.36 4.96
N ILE B 181 -4.99 11.41 3.65
CA ILE B 181 -5.62 12.56 3.03
C ILE B 181 -6.92 12.89 3.77
N ARG B 182 -7.70 11.87 4.11
CA ARG B 182 -8.95 12.09 4.82
C ARG B 182 -8.76 12.90 6.08
N THR B 183 -7.92 12.42 6.99
CA THR B 183 -7.69 13.15 8.23
C THR B 183 -6.99 14.49 7.96
N GLU B 184 -6.12 14.53 6.95
CA GLU B 184 -5.42 15.76 6.60
C GLU B 184 -6.40 16.83 6.13
N LEU B 185 -7.53 16.38 5.58
CA LEU B 185 -8.58 17.26 5.09
C LEU B 185 -9.38 17.74 6.26
N TYR B 186 -9.66 16.81 7.17
CA TYR B 186 -10.44 17.08 8.36
C TYR B 186 -9.77 18.06 9.36
N ILE B 187 -8.47 17.93 9.58
CA ILE B 187 -7.76 18.82 10.49
C ILE B 187 -7.65 20.20 9.91
N THR B 188 -7.60 20.29 8.58
CA THR B 188 -7.52 21.60 7.93
C THR B 188 -8.91 22.18 7.70
N LYS B 189 -9.93 21.55 8.31
CA LYS B 189 -11.31 22.00 8.21
C LYS B 189 -11.92 22.12 6.80
N VAL B 190 -11.57 21.18 5.91
CA VAL B 190 -12.09 21.18 4.55
C VAL B 190 -13.18 20.11 4.42
N ASN B 191 -14.43 20.53 4.24
CA ASN B 191 -15.51 19.57 4.15
C ASN B 191 -15.68 18.80 2.86
N VAL B 192 -14.69 17.94 2.59
CA VAL B 192 -14.69 17.04 1.44
C VAL B 192 -14.43 15.70 2.13
N SER B 193 -15.33 14.75 1.96
CA SER B 193 -15.16 13.46 2.62
C SER B 193 -14.54 12.36 1.75
N ILE B 194 -13.83 11.43 2.38
CA ILE B 194 -13.23 10.30 1.68
C ILE B 194 -13.85 9.02 2.23
N THR B 195 -14.31 8.16 1.33
CA THR B 195 -14.93 6.92 1.73
C THR B 195 -14.30 5.75 1.12
N LEU B 196 -13.53 5.02 1.92
CA LEU B 196 -12.88 3.82 1.42
C LEU B 196 -13.93 2.69 1.41
N CYS B 197 -14.18 2.11 0.24
CA CYS B 197 -15.17 1.05 0.16
C CYS B 197 -14.53 -0.32 0.12
N VAL B 198 -14.69 -1.05 1.23
CA VAL B 198 -14.14 -2.39 1.36
C VAL B 198 -15.17 -3.44 0.95
N LEU B 199 -14.97 -3.98 -0.25
CA LEU B 199 -15.88 -4.96 -0.83
C LEU B 199 -15.46 -6.43 -0.71
N GLY B 200 -16.47 -7.30 -0.64
CA GLY B 200 -16.22 -8.73 -0.58
C GLY B 200 -16.34 -9.24 -2.00
N LEU B 201 -16.38 -10.57 -2.20
CA LEU B 201 -16.49 -11.12 -3.55
C LEU B 201 -17.80 -10.67 -4.18
N ILE B 202 -17.73 -10.21 -5.44
CA ILE B 202 -18.90 -9.68 -6.15
C ILE B 202 -19.27 -10.41 -7.51
N ASP B 203 -20.58 -10.49 -7.78
CA ASP B 203 -21.16 -11.12 -8.98
C ASP B 203 -20.60 -10.76 -10.33
N THR B 204 -19.79 -9.71 -10.43
CA THR B 204 -19.25 -9.28 -11.71
C THR B 204 -18.63 -10.37 -12.59
N GLU B 205 -18.65 -10.15 -13.90
CA GLU B 205 -18.11 -11.09 -14.86
C GLU B 205 -16.65 -11.32 -14.69
N THR B 206 -15.90 -10.25 -14.45
CA THR B 206 -14.46 -10.33 -14.28
C THR B 206 -14.03 -11.19 -13.09
N ALA B 207 -14.60 -10.92 -11.93
CA ALA B 207 -14.27 -11.67 -10.72
C ALA B 207 -14.57 -13.14 -10.86
N MET B 208 -15.82 -13.47 -11.20
CA MET B 208 -16.24 -14.86 -11.33
C MET B 208 -15.39 -15.67 -12.31
N LYS B 209 -15.19 -15.13 -13.50
CA LYS B 209 -14.40 -15.83 -14.50
C LYS B 209 -12.97 -16.00 -14.10
N GLU B 210 -12.46 -15.09 -13.27
CA GLU B 210 -11.06 -15.16 -12.87
C GLU B 210 -10.76 -16.08 -11.65
N ILE B 211 -11.79 -16.34 -10.84
CA ILE B 211 -11.61 -17.21 -9.68
C ILE B 211 -12.17 -18.55 -9.95
N SER B 212 -12.53 -18.80 -11.20
CA SER B 212 -13.13 -20.09 -11.58
C SER B 212 -12.12 -21.20 -11.51
N GLY B 213 -12.42 -22.21 -10.68
CA GLY B 213 -11.53 -23.34 -10.54
C GLY B 213 -10.43 -23.16 -9.53
N ILE B 214 -10.28 -21.94 -9.01
CA ILE B 214 -9.24 -21.64 -8.03
C ILE B 214 -9.81 -21.37 -6.67
N ILE B 215 -10.89 -20.61 -6.62
CA ILE B 215 -11.53 -20.27 -5.35
C ILE B 215 -13.01 -20.45 -5.44
N ASN B 216 -13.56 -21.29 -4.59
CA ASN B 216 -15.00 -21.48 -4.60
C ASN B 216 -15.59 -20.82 -3.40
N ALA B 217 -16.18 -19.65 -3.63
CA ALA B 217 -16.79 -18.89 -2.56
C ALA B 217 -18.04 -18.21 -3.03
N GLN B 218 -18.98 -17.98 -2.11
CA GLN B 218 -20.23 -17.33 -2.45
C GLN B 218 -19.95 -15.85 -2.79
N ALA B 219 -20.56 -15.34 -3.86
CA ALA B 219 -20.38 -13.96 -4.28
C ALA B 219 -21.67 -13.12 -4.03
N SER B 220 -21.52 -11.82 -3.88
CA SER B 220 -22.66 -10.95 -3.66
C SER B 220 -23.03 -10.16 -4.93
N PRO B 221 -24.31 -9.76 -5.07
CA PRO B 221 -24.90 -9.01 -6.18
C PRO B 221 -24.20 -7.73 -6.64
N LYS B 222 -23.80 -7.69 -7.92
CA LYS B 222 -23.12 -6.53 -8.47
C LYS B 222 -23.96 -5.23 -8.30
N GLU B 223 -25.29 -5.34 -8.28
CA GLU B 223 -26.14 -4.16 -8.15
C GLU B 223 -26.35 -3.65 -6.73
N GLU B 224 -26.56 -4.55 -5.78
CA GLU B 224 -26.77 -4.14 -4.39
C GLU B 224 -25.45 -3.50 -3.83
N CYS B 225 -24.32 -4.10 -4.19
CA CYS B 225 -23.00 -3.60 -3.79
C CYS B 225 -22.92 -2.15 -4.20
N ALA B 226 -23.25 -1.89 -5.46
CA ALA B 226 -23.22 -0.54 -6.05
C ALA B 226 -24.09 0.49 -5.28
N LEU B 227 -25.30 0.11 -4.89
CA LEU B 227 -26.19 1.01 -4.17
C LEU B 227 -25.58 1.39 -2.83
N GLU B 228 -24.98 0.40 -2.17
CA GLU B 228 -24.35 0.60 -0.87
C GLU B 228 -23.13 1.50 -0.93
N ILE B 229 -22.37 1.39 -2.02
CA ILE B 229 -21.19 2.23 -2.21
C ILE B 229 -21.67 3.66 -2.30
N ILE B 230 -22.74 3.87 -3.06
CA ILE B 230 -23.32 5.19 -3.24
C ILE B 230 -23.93 5.73 -1.94
N LYS B 231 -24.79 4.94 -1.31
CA LYS B 231 -25.43 5.37 -0.06
C LYS B 231 -24.36 5.83 0.97
N GLY B 232 -23.39 4.97 1.22
CA GLY B 232 -22.33 5.26 2.18
C GLY B 232 -21.54 6.51 1.87
N THR B 233 -21.21 6.70 0.59
CA THR B 233 -20.46 7.87 0.18
C THR B 233 -21.31 9.10 0.42
N ALA B 234 -22.59 8.99 0.08
CA ALA B 234 -23.53 10.09 0.26
C ALA B 234 -23.66 10.45 1.72
N LEU B 235 -23.68 9.43 2.58
CA LEU B 235 -23.79 9.67 4.02
C LEU B 235 -22.49 10.08 4.63
N ARG B 236 -21.46 10.18 3.79
CA ARG B 236 -20.14 10.61 4.23
C ARG B 236 -19.48 9.73 5.32
N LYS B 237 -19.54 8.42 5.14
CA LYS B 237 -18.94 7.49 6.09
C LYS B 237 -17.49 7.30 5.68
N SER B 238 -16.60 7.03 6.64
CA SER B 238 -15.19 6.84 6.32
C SER B 238 -15.00 5.57 5.61
N GLU B 239 -15.59 4.51 6.13
CA GLU B 239 -15.49 3.21 5.50
C GLU B 239 -16.83 2.54 5.32
N VAL B 240 -16.91 1.73 4.27
CA VAL B 240 -18.12 0.99 3.94
C VAL B 240 -17.73 -0.41 3.63
N TYR B 241 -18.19 -1.35 4.45
CA TYR B 241 -17.89 -2.77 4.25
C TYR B 241 -19.10 -3.43 3.63
N TYR B 242 -18.92 -4.06 2.48
CA TYR B 242 -20.02 -4.75 1.85
C TYR B 242 -19.54 -6.13 1.59
N ASP B 243 -20.13 -7.10 2.29
CA ASP B 243 -19.73 -8.49 2.15
C ASP B 243 -20.77 -9.41 2.67
N LYS B 244 -20.68 -10.68 2.28
CA LYS B 244 -21.64 -11.70 2.70
C LYS B 244 -21.80 -11.79 4.23
N SER B 245 -20.69 -11.74 4.97
CA SER B 245 -20.71 -11.86 6.43
C SER B 245 -20.78 -10.58 7.26
N PRO B 246 -21.64 -10.57 8.28
CA PRO B 246 -21.78 -9.39 9.14
C PRO B 246 -20.63 -9.31 10.14
N LEU B 247 -19.64 -10.18 9.96
CA LEU B 247 -18.50 -10.22 10.86
C LEU B 247 -17.32 -9.49 10.26
N THR B 248 -17.30 -9.39 8.94
CA THR B 248 -16.23 -8.71 8.24
C THR B 248 -15.87 -7.29 8.84
N PRO B 249 -16.82 -6.34 8.78
CA PRO B 249 -16.50 -5.03 9.32
C PRO B 249 -15.97 -5.04 10.73
N ILE B 250 -16.30 -6.06 11.49
CA ILE B 250 -15.82 -6.13 12.87
C ILE B 250 -14.38 -6.71 12.88
N LEU B 251 -14.19 -7.81 12.17
CA LEU B 251 -12.87 -8.46 12.09
C LEU B 251 -11.87 -7.63 11.35
N LEU B 252 -12.33 -6.81 10.41
CA LEU B 252 -11.41 -5.98 9.65
C LEU B 252 -11.45 -4.52 9.98
N GLY B 253 -12.40 -4.13 10.81
CA GLY B 253 -12.53 -2.72 11.20
C GLY B 253 -11.39 -2.10 11.98
N ASN B 254 -10.46 -2.93 12.45
CA ASN B 254 -9.28 -2.49 13.19
C ASN B 254 -9.43 -1.31 14.20
N PRO B 255 -10.20 -1.50 15.27
CA PRO B 255 -10.39 -0.42 16.26
C PRO B 255 -9.04 0.08 16.87
N GLY B 256 -8.10 -0.85 17.06
CA GLY B 256 -6.81 -0.48 17.60
C GLY B 256 -6.14 0.62 16.79
N ARG B 257 -6.15 0.47 15.47
CA ARG B 257 -5.56 1.47 14.58
C ARG B 257 -6.26 2.86 14.83
N LYS B 258 -7.59 2.86 14.91
CA LYS B 258 -8.37 4.06 15.16
C LYS B 258 -7.86 4.75 16.41
N ILE B 259 -7.61 3.96 17.46
CA ILE B 259 -7.10 4.48 18.72
C ILE B 259 -5.75 5.16 18.54
N MET B 260 -4.83 4.47 17.87
CA MET B 260 -3.49 5.00 17.64
C MET B 260 -3.48 6.20 16.73
N GLU B 261 -4.33 6.17 15.70
CA GLU B 261 -4.40 7.28 14.77
C GLU B 261 -4.82 8.52 15.56
N PHE B 262 -5.70 8.30 16.53
CA PHE B 262 -6.20 9.37 17.38
C PHE B 262 -5.09 9.93 18.24
N PHE B 263 -4.44 9.06 19.00
CA PHE B 263 -3.34 9.49 19.87
C PHE B 263 -2.22 10.20 19.17
N SER B 264 -1.89 9.76 17.97
CA SER B 264 -0.80 10.38 17.24
C SER B 264 -0.98 11.83 16.99
N LEU B 265 -2.21 12.28 16.79
CA LEU B 265 -2.44 13.70 16.53
C LEU B 265 -2.00 14.55 17.64
N ARG B 266 -2.01 13.98 18.83
CA ARG B 266 -1.63 14.65 20.05
C ARG B 266 -0.22 15.27 20.01
N TYR B 267 0.66 14.73 19.18
CA TYR B 267 2.02 15.22 19.11
C TYR B 267 2.36 16.20 18.00
N TYR B 268 1.35 16.60 17.24
CA TYR B 268 1.55 17.55 16.17
C TYR B 268 1.44 18.96 16.62
N ASN B 269 1.96 19.87 15.81
CA ASN B 269 1.90 21.29 16.11
C ASN B 269 0.61 21.75 15.50
N LYS B 270 -0.40 22.04 16.32
CA LYS B 270 -1.68 22.46 15.75
C LYS B 270 -1.54 23.62 14.74
N ASP B 271 -0.60 24.52 14.98
CA ASP B 271 -0.38 25.65 14.08
C ASP B 271 -0.21 25.18 12.64
N MET B 272 0.58 24.13 12.46
CA MET B 272 0.85 23.57 11.14
C MET B 272 -0.42 23.17 10.35
N PHE B 273 -1.58 23.22 11.01
CA PHE B 273 -2.82 22.86 10.36
C PHE B 273 -3.62 24.09 9.92
PA NDP C . 17.88 7.46 6.80
O1A NDP C . 18.76 7.87 7.99
O2A NDP C . 17.41 8.63 5.96
O5B NDP C . 18.66 6.42 5.90
C5B NDP C . 18.20 6.20 4.56
C4B NDP C . 19.20 5.30 3.81
O4B NDP C . 18.74 5.12 2.49
C3B NDP C . 20.62 5.96 3.72
O3B NDP C . 21.85 5.24 3.95
C2B NDP C . 20.54 6.51 2.31
O2B NDP C . 21.84 6.69 1.78
C1B NDP C . 19.69 5.49 1.54
N9A NDP C . 19.02 6.09 0.38
C8A NDP C . 18.41 7.31 0.28
N7A NDP C . 17.93 7.62 -0.92
C5A NDP C . 18.25 6.51 -1.71
C6A NDP C . 18.07 6.14 -3.07
N6A NDP C . 17.47 7.00 -3.93
N1A NDP C . 18.52 4.94 -3.58
C2A NDP C . 19.18 4.06 -2.72
N3A NDP C . 19.40 4.35 -1.37
C4A NDP C . 18.94 5.55 -0.88
O3 NDP C . 16.59 6.66 7.28
PN NDP C . 16.36 5.79 8.54
O1N NDP C . 15.91 6.66 9.68
O2N NDP C . 17.64 5.06 8.88
O5D NDP C . 15.23 4.83 8.07
C5D NDP C . 15.55 3.47 7.80
C4D NDP C . 14.27 2.64 7.60
O4D NDP C . 13.53 2.78 8.77
C3D NDP C . 13.36 3.06 6.44
O3D NDP C . 12.82 1.84 5.85
C2D NDP C . 12.29 3.89 7.18
O2D NDP C . 11.04 4.08 6.49
C1D NDP C . 12.19 3.15 8.51
N1N NDP C . 11.70 3.90 9.68
C2N NDP C . 12.44 4.88 10.29
C3N NDP C . 12.02 5.42 11.52
C7N NDP C . 12.68 6.49 12.19
O7N NDP C . 12.06 7.18 12.97
N7N NDP C . 13.96 6.67 11.94
C4N NDP C . 10.84 4.97 12.10
C5N NDP C . 10.05 4.01 11.44
C6N NDP C . 10.52 3.52 10.23
P2B NDP C . 22.10 7.61 0.52
O1X NDP C . 21.82 6.69 -0.71
O2X NDP C . 23.60 7.97 0.71
O3X NDP C . 21.22 8.88 0.42
H51A NDP C . 18.11 7.16 4.07
H52A NDP C . 17.23 5.75 4.59
H4B NDP C . 19.15 4.35 4.33
H3B NDP C . 20.62 6.83 4.40
HO3A NDP C . 21.95 4.33 3.64
H2B NDP C . 20.07 7.49 2.35
H1B NDP C . 20.25 4.62 1.23
H8A NDP C . 18.34 7.98 1.12
H61A NDP C . 17.47 6.83 -4.91
H62A NDP C . 17.01 7.82 -3.59
H2A NDP C . 19.56 3.13 -3.12
H51N NDP C . 16.14 3.08 8.62
H52N NDP C . 16.16 3.43 6.91
H4D NDP C . 14.53 1.60 7.49
H3D NDP C . 13.98 3.68 5.75
HO3N NDP C . 11.92 1.84 5.47
H2D NDP C . 12.74 4.86 7.39
HO2N NDP C . 10.72 3.37 5.93
H1D NDP C . 11.63 2.22 8.49
H2N NDP C . 13.36 5.23 9.83
H71N NDP C . 14.43 7.43 12.38
H72N NDP C . 14.49 6.08 11.35
H42N NDP C . 10.52 5.38 13.05
H5N NDP C . 9.10 3.71 11.86
H6N NDP C . 9.91 2.79 9.71
C1 C0R D . 7.34 7.09 12.90
C2 C0R D . 6.19 6.80 13.83
C3 C0R D . 5.96 8.07 14.64
C4 C0R D . 5.92 9.42 13.99
C5 C0R D . 6.30 9.46 12.60
C6 C0R D . 6.12 10.69 11.78
C7 C0R D . 7.46 11.03 11.14
C8 C0R D . 8.05 9.87 10.33
C9 C0R D . 8.31 8.66 11.25
C10 C0R D . 6.97 8.24 11.95
C11 C0R D . 9.09 7.49 10.58
C12 C0R D . 10.38 8.02 9.95
C13 C0R D . 10.23 9.16 8.94
C14 C0R D . 9.47 10.18 9.86
C15 C0R D . 9.59 11.45 9.02
C16 C0R D . 10.86 11.35 8.25
C17 C0R D . 11.52 10.00 8.57
C18 C0R D . 9.45 8.82 7.65
C19 C0R D . 5.89 7.74 10.96
C20 C0R D . 12.40 9.51 7.40
C21 C0R D . 13.10 8.19 7.68
O1 C0R D . 5.77 8.02 15.86
O2 C0R D . 8.42 6.85 9.65
O3 C0R D . 12.26 9.88 6.28
O4 C0R D . 13.48 8.06 8.93
PA NDP E . -14.23 -5.07 -13.77
O1A NDP E . -15.46 -5.85 -14.16
O2A NDP E . -12.97 -5.66 -14.41
O5B NDP E . -14.37 -3.57 -14.09
C5B NDP E . -13.16 -2.86 -14.27
C4B NDP E . -13.47 -1.58 -15.02
O4B NDP E . -12.30 -0.83 -15.23
C3B NDP E . -14.11 -1.79 -16.41
O3B NDP E . -14.91 -0.69 -16.94
C2B NDP E . -12.86 -1.67 -17.27
O2B NDP E . -13.18 -1.14 -18.56
C1B NDP E . -12.09 -0.58 -16.56
N9A NDP E . -10.67 -0.63 -16.85
C8A NDP E . -9.90 -1.73 -16.96
N7A NDP E . -8.63 -1.45 -17.29
C5A NDP E . -8.55 -0.08 -17.38
C6A NDP E . -7.56 0.85 -17.68
N6A NDP E . -6.32 0.42 -18.01
N1A NDP E . -7.78 2.22 -17.72
C2A NDP E . -9.07 2.66 -17.45
N3A NDP E . -10.10 1.79 -17.15
C4A NDP E . -9.84 0.44 -17.11
O3 NDP E . -14.10 -5.02 -12.22
PN NDP E . -15.11 -4.90 -11.05
O1N NDP E . -15.48 -6.23 -10.52
O2N NDP E . -16.31 -4.11 -11.45
O5D NDP E . -14.27 -4.11 -10.01
C5D NDP E . -14.55 -2.74 -9.73
C4D NDP E . -13.82 -2.34 -8.43
O4D NDP E . -14.26 -3.19 -7.39
C3D NDP E . -12.29 -2.47 -8.53
O3D NDP E . -11.79 -1.24 -7.98
C2D NDP E . -12.00 -3.75 -7.74
O2D NDP E . -10.79 -3.89 -6.97
C1D NDP E . -13.16 -3.79 -6.75
N1N NDP E . -13.51 -5.12 -6.25
C2N NDP E . -14.13 -6.05 -7.03
C3N NDP E . -14.62 -7.25 -6.47
C7N NDP E . -15.36 -8.25 -7.20
O7N NDP E . -15.51 -9.36 -6.79
N7N NDP E . -15.94 -7.85 -8.32
C4N NDP E . -14.42 -7.49 -5.10
C5N NDP E . -13.74 -6.55 -4.31
C6N NDP E . -13.31 -5.38 -4.93
P2B NDP E . -12.30 -1.45 -19.83
O1X NDP E . -11.28 -0.30 -20.03
O2X NDP E . -13.33 -1.58 -20.98
O3X NDP E . -11.58 -2.81 -19.60
H51A NDP E . -12.43 -3.46 -14.80
H52A NDP E . -12.75 -2.62 -13.30
H4B NDP E . -14.05 -1.05 -14.28
H3B NDP E . -14.50 -2.82 -16.55
HO3A NDP E . -15.68 -0.34 -16.48
H2B NDP E . -12.35 -2.62 -17.35
H1B NDP E . -12.51 0.39 -16.78
H8A NDP E . -10.26 -2.72 -16.82
H61A NDP E . -5.62 1.07 -18.27
H62A NDP E . -6.11 -0.57 -17.97
H2A NDP E . -9.28 3.73 -17.50
H51N NDP E . -15.62 -2.62 -9.62
H52N NDP E . -14.22 -2.14 -10.56
H4D NDP E . -14.10 -1.33 -8.17
H3D NDP E . -12.05 -2.59 -9.61
HO3N NDP E . -11.08 -1.29 -7.31
H2D NDP E . -12.14 -4.60 -8.44
HO2N NDP E . -10.19 -3.12 -6.97
H1D NDP E . -12.98 -3.18 -5.88
H2N NDP E . -14.29 -5.87 -8.09
H71N NDP E . -16.45 -8.52 -8.86
H72N NDP E . -15.93 -6.90 -8.64
H42N NDP E . -14.79 -8.40 -4.66
H5N NDP E . -13.59 -6.73 -3.25
H6N NDP E . -12.80 -4.66 -4.33
C1 C0R F . -12.38 -10.31 -3.17
C2 C0R F . -12.45 -10.83 -1.75
C3 C0R F . -12.78 -12.32 -1.82
C4 C0R F . -11.98 -13.19 -2.68
C5 C0R F . -11.16 -12.54 -3.69
C6 C0R F . -10.29 -13.38 -4.61
C7 C0R F . -10.52 -12.98 -6.05
C8 C0R F . -10.38 -11.47 -6.28
C9 C0R F . -11.43 -10.72 -5.42
C10 C0R F . -11.23 -11.03 -3.89
C11 C0R F . -11.54 -9.20 -5.76
C12 C0R F . -11.78 -9.00 -7.26
C13 C0R F . -10.69 -9.61 -8.15
C14 C0R F . -10.77 -11.11 -7.72
C15 C0R F . -9.90 -11.79 -8.77
C16 C0R F . -9.96 -10.92 -9.98
C17 C0R F . -10.94 -9.77 -9.69
C18 C0R F . -9.27 -8.96 -7.98
C19 C0R F . -9.92 -10.51 -3.30
C20 C0R F . -10.67 -8.56 -10.59
C21 C0R F . -11.71 -7.45 -10.53
O1 C0R F . -13.70 -12.79 -1.17
O2 C0R F . -10.49 -8.50 -5.36
O3 C0R F . -9.56 -8.32 -10.99
O4 C0R F . -12.96 -7.83 -10.35
#